data_3DAO
#
_entry.id   3DAO
#
_cell.length_a   101.855
_cell.length_b   101.855
_cell.length_c   110.994
_cell.angle_alpha   90.000
_cell.angle_beta   90.000
_cell.angle_gamma   90.000
#
_symmetry.space_group_name_H-M   'P 41 21 2'
#
loop_
_entity.id
_entity.type
_entity.pdbx_description
1 polymer 'Putative Phosphate'
2 non-polymer 'PENTAETHYLENE GLYCOL'
3 non-polymer 'CITRIC ACID'
4 water water
#
_entity_poly.entity_id   1
_entity_poly.type   'polypeptide(L)'
_entity_poly.pdbx_seq_one_letter_code
;(MSE)GSDKIHHHHHHENLYFQG(MSE)IKLIATDIDGTLVKDGSLLIDPEY(MSE)SVIDRLIDKGIIFVVCSGRQFSS
EFKLFAPIKHKLLYITDGGTVVRTPKEILKTYP(MSE)DEDIWKG(MSE)CR(MSE)VRDELPACDYFAATPDFCFAEDG
GSPIFHLLRDSYGFE(MSE)REVDDITRLDRNDIIKFTVFHPDKCEELCTPVFIPAWNKKAHLAAAGKEWVDCNAKGVSK
WTALSYLIDRFDLLPDEVCCFGDNLNDIE(MSE)LQNAGISYAVSNARQEVIAAAKHTCAPYWENGVLSVLKSFL
;
_entity_poly.pdbx_strand_id   A,B
#
# COMPACT_ATOMS: atom_id res chain seq x y z
N GLY A 19 11.63 -44.34 -5.29
CA GLY A 19 12.64 -44.26 -4.19
C GLY A 19 13.86 -43.50 -4.68
N ILE A 21 13.80 -40.34 -5.39
CA ILE A 21 13.70 -38.94 -4.92
C ILE A 21 14.56 -38.75 -3.67
N LYS A 22 15.54 -37.86 -3.75
CA LYS A 22 16.42 -37.59 -2.63
C LYS A 22 16.17 -36.20 -2.03
N LEU A 23 15.41 -35.40 -2.76
CA LEU A 23 15.08 -34.02 -2.32
C LEU A 23 13.73 -33.54 -2.84
N ILE A 24 12.96 -32.97 -1.94
CA ILE A 24 11.66 -32.37 -2.29
C ILE A 24 11.67 -30.88 -2.00
N ALA A 25 11.28 -30.07 -2.99
CA ALA A 25 11.13 -28.63 -2.80
C ALA A 25 9.69 -28.24 -3.12
N THR A 26 9.13 -27.35 -2.31
CA THR A 26 7.79 -26.84 -2.53
C THR A 26 7.69 -25.38 -2.19
N ASP A 27 6.91 -24.63 -3.00
CA ASP A 27 6.56 -23.28 -2.58
C ASP A 27 5.34 -23.43 -1.65
N ILE A 28 4.85 -22.29 -1.18
CA ILE A 28 3.85 -22.28 -0.17
C ILE A 28 2.54 -21.69 -0.58
N ASP A 29 2.61 -20.44 -0.98
CA ASP A 29 1.41 -19.64 -1.25
C ASP A 29 0.67 -20.02 -2.51
N GLY A 30 -0.50 -20.59 -2.27
CA GLY A 30 -1.36 -21.07 -3.35
C GLY A 30 -1.01 -22.48 -3.71
N THR A 31 -0.04 -23.05 -3.00
CA THR A 31 0.40 -24.44 -3.26
C THR A 31 0.01 -25.35 -2.10
N LEU A 32 0.43 -24.97 -0.91
CA LEU A 32 0.09 -25.70 0.33
C LEU A 32 -1.04 -25.05 1.09
N VAL A 33 -1.10 -23.74 0.98
CA VAL A 33 -2.09 -22.95 1.74
C VAL A 33 -2.51 -21.73 0.98
N LYS A 34 -3.61 -21.16 1.44
CA LYS A 34 -4.12 -19.90 0.89
C LYS A 34 -3.03 -18.85 1.04
N ASP A 35 -2.88 -18.02 0.03
CA ASP A 35 -1.86 -16.98 0.05
CA ASP A 35 -1.85 -16.98 0.04
C ASP A 35 -1.86 -16.24 1.38
N GLY A 36 -0.69 -16.16 1.96
CA GLY A 36 -0.47 -15.47 3.23
C GLY A 36 -0.89 -16.17 4.51
N SER A 37 -1.50 -17.35 4.39
CA SER A 37 -1.94 -18.07 5.60
CA SER A 37 -1.94 -18.15 5.56
C SER A 37 -0.81 -18.37 6.54
N LEU A 38 -1.18 -18.37 7.81
CA LEU A 38 -0.27 -18.62 8.91
C LEU A 38 -0.50 -20.03 9.43
N LEU A 39 -1.53 -20.66 8.90
CA LEU A 39 -1.96 -22.00 9.32
C LEU A 39 -1.81 -23.04 8.25
N ILE A 40 -1.46 -24.23 8.71
CA ILE A 40 -1.31 -25.39 7.82
C ILE A 40 -1.66 -26.67 8.56
N ASP A 41 -2.34 -27.57 7.85
CA ASP A 41 -2.81 -28.87 8.41
C ASP A 41 -1.63 -29.64 9.02
N PRO A 42 -1.76 -30.09 10.29
CA PRO A 42 -0.61 -30.77 10.92
C PRO A 42 -0.24 -32.06 10.26
N GLU A 43 -1.14 -32.59 9.44
CA GLU A 43 -0.82 -33.84 8.76
C GLU A 43 0.35 -33.57 7.82
N TYR A 44 0.48 -32.33 7.37
CA TYR A 44 1.62 -31.98 6.50
C TYR A 44 2.91 -32.16 7.30
N SER A 46 3.46 -34.08 9.86
CA SER A 46 3.74 -35.49 10.16
C SER A 46 4.31 -36.23 8.99
N VAL A 47 3.70 -35.99 7.83
CA VAL A 47 4.14 -36.67 6.60
C VAL A 47 5.54 -36.22 6.20
N ILE A 48 5.79 -34.91 6.24
CA ILE A 48 7.10 -34.38 5.87
C ILE A 48 8.18 -34.93 6.81
N ASP A 49 7.82 -35.02 8.08
CA ASP A 49 8.76 -35.50 9.11
C ASP A 49 9.13 -36.93 8.76
N ARG A 50 8.11 -37.69 8.34
CA ARG A 50 8.31 -39.10 7.98
C ARG A 50 9.19 -39.26 6.75
N LEU A 51 8.97 -38.37 5.78
CA LEU A 51 9.76 -38.39 4.54
C LEU A 51 11.20 -38.03 4.86
N ILE A 52 11.38 -37.06 5.75
CA ILE A 52 12.74 -36.65 6.10
C ILE A 52 13.51 -37.78 6.79
N ASP A 53 12.79 -38.45 7.67
CA ASP A 53 13.30 -39.61 8.43
C ASP A 53 13.68 -40.76 7.50
N LYS A 54 13.08 -40.79 6.30
CA LYS A 54 13.38 -41.81 5.28
C LYS A 54 14.61 -41.41 4.50
N GLY A 55 15.12 -40.24 4.80
CA GLY A 55 16.34 -39.73 4.21
C GLY A 55 16.17 -38.69 3.12
N ILE A 56 14.95 -38.22 2.91
CA ILE A 56 14.69 -37.20 1.89
C ILE A 56 14.98 -35.81 2.48
N ILE A 57 15.66 -34.97 1.69
CA ILE A 57 15.89 -33.58 2.09
C ILE A 57 14.67 -32.78 1.67
N PHE A 58 14.16 -31.96 2.59
CA PHE A 58 12.97 -31.19 2.33
C PHE A 58 13.27 -29.71 2.39
N VAL A 59 12.87 -29.05 1.30
CA VAL A 59 13.17 -27.63 1.13
C VAL A 59 11.91 -26.81 0.90
N VAL A 60 11.72 -25.83 1.77
CA VAL A 60 10.67 -24.82 1.61
C VAL A 60 11.31 -23.74 0.74
N CYS A 61 10.69 -23.47 -0.40
CA CYS A 61 11.23 -22.60 -1.47
C CYS A 61 10.18 -21.62 -1.94
N SER A 62 10.29 -20.40 -1.43
CA SER A 62 9.24 -19.41 -1.55
C SER A 62 9.64 -17.95 -1.63
N GLY A 63 8.62 -17.17 -1.97
CA GLY A 63 8.75 -15.72 -2.00
C GLY A 63 8.76 -15.17 -0.60
N ARG A 64 8.32 -16.00 0.35
CA ARG A 64 8.18 -15.54 1.73
C ARG A 64 9.50 -15.30 2.42
N GLN A 65 9.44 -14.45 3.44
CA GLN A 65 10.58 -14.19 4.31
C GLN A 65 10.82 -15.40 5.18
N PHE A 66 12.03 -15.48 5.73
CA PHE A 66 12.39 -16.61 6.60
C PHE A 66 11.47 -16.74 7.77
N SER A 67 11.23 -15.61 8.43
CA SER A 67 10.39 -15.60 9.63
C SER A 67 9.05 -16.25 9.39
N SER A 68 8.50 -15.99 8.21
CA SER A 68 7.18 -16.49 7.82
C SER A 68 7.23 -18.00 7.56
N GLU A 69 8.28 -18.44 6.89
CA GLU A 69 8.43 -19.88 6.62
C GLU A 69 8.65 -20.64 7.92
N PHE A 70 9.42 -20.04 8.79
CA PHE A 70 9.91 -20.71 10.02
C PHE A 70 8.73 -20.88 10.97
N LYS A 71 7.81 -19.91 10.91
CA LYS A 71 6.60 -19.98 11.76
C LYS A 71 5.57 -20.99 11.23
N LEU A 72 5.35 -20.98 9.93
CA LEU A 72 4.37 -21.86 9.34
C LEU A 72 4.76 -23.34 9.57
N PHE A 73 6.05 -23.62 9.56
CA PHE A 73 6.55 -24.98 9.71
C PHE A 73 7.09 -25.24 11.13
N ALA A 74 6.61 -24.44 12.06
CA ALA A 74 7.10 -24.44 13.44
C ALA A 74 7.33 -25.83 14.07
N PRO A 75 6.39 -26.76 13.90
CA PRO A 75 6.56 -28.08 14.60
C PRO A 75 7.76 -28.90 14.17
N ILE A 76 8.20 -28.71 12.91
CA ILE A 76 9.35 -29.43 12.37
C ILE A 76 10.40 -28.51 11.77
N LYS A 77 10.41 -27.28 12.26
CA LYS A 77 11.29 -26.23 11.67
C LYS A 77 12.77 -26.53 11.65
N HIS A 78 13.21 -27.32 12.63
CA HIS A 78 14.61 -27.71 12.76
C HIS A 78 15.12 -28.69 11.71
N LYS A 79 14.21 -29.32 11.00
CA LYS A 79 14.57 -30.41 10.10
C LYS A 79 14.54 -30.03 8.63
N LEU A 80 14.23 -28.77 8.37
CA LEU A 80 14.05 -28.27 7.00
C LEU A 80 15.17 -27.40 6.51
N LEU A 81 15.23 -27.27 5.17
CA LEU A 81 16.07 -26.26 4.49
C LEU A 81 15.15 -25.21 3.92
N TYR A 82 15.65 -23.97 3.90
CA TYR A 82 14.85 -22.81 3.52
C TYR A 82 15.45 -21.96 2.43
N ILE A 83 14.63 -21.72 1.43
CA ILE A 83 14.94 -20.78 0.35
C ILE A 83 13.88 -19.69 0.51
N THR A 84 14.34 -18.46 0.70
CA THR A 84 13.45 -17.36 1.04
C THR A 84 13.57 -16.21 0.07
N ASP A 85 12.57 -15.34 0.14
CA ASP A 85 12.63 -14.07 -0.61
C ASP A 85 12.87 -14.27 -2.08
N GLY A 86 12.27 -15.34 -2.57
CA GLY A 86 12.28 -15.70 -3.98
C GLY A 86 13.60 -16.22 -4.50
N GLY A 87 14.43 -16.70 -3.59
CA GLY A 87 15.72 -17.26 -4.02
C GLY A 87 16.96 -16.45 -3.70
N THR A 88 16.82 -15.40 -2.90
CA THR A 88 17.93 -14.52 -2.56
C THR A 88 18.67 -14.96 -1.28
N VAL A 89 18.03 -15.88 -0.55
CA VAL A 89 18.63 -16.45 0.67
C VAL A 89 18.32 -17.95 0.76
N VAL A 90 19.38 -18.68 1.08
CA VAL A 90 19.37 -20.14 1.30
C VAL A 90 19.96 -20.38 2.71
N ARG A 91 19.20 -21.04 3.55
CA ARG A 91 19.60 -21.23 4.93
C ARG A 91 19.05 -22.48 5.61
N THR A 92 19.76 -22.84 6.66
CA THR A 92 19.38 -23.94 7.50
C THR A 92 18.64 -23.24 8.62
N PRO A 93 18.10 -23.99 9.57
CA PRO A 93 17.40 -23.31 10.62
C PRO A 93 18.31 -22.45 11.47
N LYS A 94 19.60 -22.75 11.46
CA LYS A 94 20.51 -22.02 12.32
C LYS A 94 21.49 -21.10 11.61
N GLU A 95 21.78 -21.38 10.35
CA GLU A 95 22.73 -20.51 9.63
C GLU A 95 22.39 -20.32 8.17
N ILE A 96 22.84 -19.18 7.67
CA ILE A 96 22.67 -18.80 6.30
C ILE A 96 23.77 -19.49 5.54
N LEU A 97 23.40 -20.19 4.47
CA LEU A 97 24.35 -20.90 3.66
C LEU A 97 24.85 -20.04 2.53
N LYS A 98 23.92 -19.30 1.96
CA LYS A 98 24.21 -18.50 0.79
C LYS A 98 23.21 -17.36 0.64
N THR A 99 23.71 -16.17 0.37
CA THR A 99 22.85 -15.03 0.03
C THR A 99 23.25 -14.50 -1.34
N TYR A 100 22.31 -13.88 -2.02
CA TYR A 100 22.56 -13.31 -3.33
C TYR A 100 22.30 -11.80 -3.22
N PRO A 101 23.23 -11.10 -2.57
CA PRO A 101 22.94 -9.68 -2.40
C PRO A 101 23.32 -8.83 -3.57
N ASP A 103 25.12 -5.62 -5.29
CA ASP A 103 26.28 -4.73 -5.15
CA ASP A 103 26.28 -4.72 -5.19
C ASP A 103 25.81 -3.31 -4.89
N GLU A 104 26.54 -2.65 -4.00
CA GLU A 104 26.24 -1.28 -3.55
C GLU A 104 25.94 -0.29 -4.68
N ASP A 105 26.72 -0.36 -5.75
CA ASP A 105 26.54 0.50 -6.94
CA ASP A 105 26.51 0.56 -6.88
C ASP A 105 25.20 0.31 -7.62
N ILE A 106 24.68 -0.91 -7.51
CA ILE A 106 23.41 -1.24 -8.12
C ILE A 106 22.26 -0.67 -7.26
N TRP A 107 22.14 -1.10 -6.02
CA TRP A 107 20.97 -0.61 -5.20
C TRP A 107 21.04 0.87 -4.86
N LYS A 108 22.24 1.38 -4.60
CA LYS A 108 22.39 2.82 -4.32
C LYS A 108 22.15 3.63 -5.60
N GLY A 109 22.62 3.11 -6.71
CA GLY A 109 22.38 3.73 -8.02
C GLY A 109 20.87 3.82 -8.34
N CYS A 111 18.47 3.81 -6.07
CA CYS A 111 17.92 4.80 -5.12
C CYS A 111 18.04 6.20 -5.71
N ARG A 112 19.26 6.54 -6.15
CA ARG A 112 19.51 7.90 -6.69
C ARG A 112 18.69 8.21 -7.88
N VAL A 114 15.72 6.78 -8.70
CA VAL A 114 14.29 6.91 -8.39
C VAL A 114 14.04 8.28 -7.76
N ARG A 115 14.95 8.66 -6.88
CA ARG A 115 14.85 9.92 -6.15
C ARG A 115 14.86 11.10 -7.11
N ASP A 116 15.79 11.07 -8.04
CA ASP A 116 16.01 12.20 -8.94
C ASP A 116 15.18 12.23 -10.19
N GLU A 117 14.90 11.06 -10.74
CA GLU A 117 14.17 10.93 -12.00
C GLU A 117 12.78 10.33 -11.96
N LEU A 118 12.43 9.68 -10.84
CA LEU A 118 11.07 9.15 -10.61
C LEU A 118 10.53 9.66 -9.27
N PRO A 119 10.51 10.97 -9.11
CA PRO A 119 10.21 11.55 -7.80
C PRO A 119 8.77 11.31 -7.31
N ALA A 120 7.88 10.87 -8.18
CA ALA A 120 6.49 10.60 -7.75
C ALA A 120 6.41 9.26 -7.06
N CYS A 121 7.45 8.46 -7.24
CA CYS A 121 7.55 7.08 -6.68
C CYS A 121 8.25 7.06 -5.33
N ASP A 122 7.95 6.01 -4.58
CA ASP A 122 8.68 5.71 -3.38
C ASP A 122 9.55 4.46 -3.59
N TYR A 123 10.41 4.17 -2.64
CA TYR A 123 11.27 2.99 -2.78
C TYR A 123 11.68 2.43 -1.43
N PHE A 124 12.07 1.17 -1.48
CA PHE A 124 12.43 0.40 -0.30
C PHE A 124 13.62 -0.48 -0.59
N ALA A 125 14.42 -0.72 0.43
CA ALA A 125 15.60 -1.59 0.28
C ALA A 125 15.52 -2.64 1.38
N ALA A 126 15.46 -3.91 0.99
CA ALA A 126 15.25 -5.00 1.95
C ALA A 126 16.47 -5.86 2.19
N THR A 127 16.60 -6.29 3.44
CA THR A 127 17.59 -7.29 3.85
C THR A 127 16.78 -8.55 4.22
N PRO A 128 17.45 -9.64 4.60
CA PRO A 128 16.68 -10.83 4.95
C PRO A 128 15.83 -10.66 6.19
N ASP A 129 16.19 -9.67 7.01
CA ASP A 129 15.55 -9.49 8.30
C ASP A 129 14.56 -8.32 8.39
N PHE A 130 14.82 -7.28 7.64
CA PHE A 130 13.94 -6.12 7.67
C PHE A 130 14.04 -5.35 6.39
N CYS A 131 13.16 -4.37 6.32
CA CYS A 131 13.03 -3.53 5.13
C CYS A 131 13.13 -2.06 5.48
N PHE A 132 14.10 -1.41 4.84
CA PHE A 132 14.35 0.02 5.00
C PHE A 132 13.44 0.90 4.15
N ALA A 133 12.98 1.97 4.77
CA ALA A 133 12.10 2.96 4.15
C ALA A 133 12.53 4.35 4.62
N GLU A 134 12.37 5.33 3.75
CA GLU A 134 12.67 6.72 4.14
C GLU A 134 11.42 7.44 4.61
N ASP A 135 10.25 6.92 4.28
CA ASP A 135 8.97 7.55 4.68
C ASP A 135 8.09 6.64 5.49
N GLY A 136 8.09 6.86 6.79
CA GLY A 136 7.37 6.04 7.71
C GLY A 136 5.96 6.48 7.97
N GLY A 137 5.52 7.48 7.24
CA GLY A 137 4.18 8.03 7.46
C GLY A 137 3.22 7.71 6.35
N SER A 138 3.71 7.03 5.34
CA SER A 138 2.85 6.79 4.18
C SER A 138 1.81 5.69 4.36
N PRO A 139 0.74 5.72 3.55
CA PRO A 139 -0.21 4.64 3.58
C PRO A 139 0.43 3.29 3.29
N ILE A 140 1.31 3.21 2.32
CA ILE A 140 1.85 1.91 1.95
C ILE A 140 2.80 1.41 3.03
N PHE A 141 3.53 2.34 3.66
CA PHE A 141 4.41 1.96 4.77
C PHE A 141 3.56 1.31 5.86
N HIS A 142 2.48 1.98 6.20
CA HIS A 142 1.54 1.40 7.19
C HIS A 142 0.95 0.06 6.79
N LEU A 143 0.67 -0.13 5.49
CA LEU A 143 0.11 -1.39 5.03
C LEU A 143 1.15 -2.51 5.23
N LEU A 144 2.36 -2.21 4.83
CA LEU A 144 3.45 -3.19 4.90
C LEU A 144 3.73 -3.60 6.33
N ARG A 145 3.78 -2.63 7.22
CA ARG A 145 4.13 -2.90 8.62
C ARG A 145 2.98 -3.48 9.41
N ASP A 146 1.80 -2.89 9.24
CA ASP A 146 0.69 -3.22 10.13
C ASP A 146 -0.37 -4.15 9.59
N SER A 147 -0.37 -4.37 8.29
CA SER A 147 -1.25 -5.40 7.73
C SER A 147 -0.45 -6.59 7.26
N TYR A 148 0.71 -6.37 6.67
CA TYR A 148 1.48 -7.47 6.14
C TYR A 148 2.47 -8.00 7.18
N GLY A 149 2.70 -7.22 8.22
CA GLY A 149 3.56 -7.63 9.33
C GLY A 149 5.05 -7.66 9.01
N PHE A 150 5.45 -6.87 8.02
CA PHE A 150 6.85 -6.83 7.69
C PHE A 150 7.59 -5.99 8.72
N GLU A 151 8.80 -6.43 9.06
CA GLU A 151 9.70 -5.62 9.91
C GLU A 151 10.29 -4.51 9.07
N ARG A 153 12.19 -0.56 8.93
CA ARG A 153 13.08 0.36 9.63
CA ARG A 153 13.10 0.36 9.62
C ARG A 153 13.14 1.66 8.85
N GLU A 154 12.73 2.71 9.52
CA GLU A 154 12.74 4.03 8.94
C GLU A 154 14.15 4.61 9.11
N VAL A 155 14.69 5.13 8.02
CA VAL A 155 15.99 5.79 8.02
C VAL A 155 15.91 7.11 7.24
N ASP A 156 16.89 8.00 7.44
CA ASP A 156 16.84 9.30 6.74
CA ASP A 156 16.87 9.30 6.75
C ASP A 156 17.24 9.18 5.27
N ASP A 157 18.19 8.32 5.00
CA ASP A 157 18.75 8.18 3.63
C ASP A 157 19.35 6.81 3.41
N ILE A 158 18.68 6.04 2.58
CA ILE A 158 19.10 4.67 2.29
C ILE A 158 20.51 4.63 1.68
N THR A 159 20.88 5.68 0.95
CA THR A 159 22.18 5.69 0.25
C THR A 159 23.30 5.92 1.24
N ARG A 160 22.95 6.18 2.49
CA ARG A 160 23.96 6.43 3.52
CA ARG A 160 23.98 6.41 3.49
C ARG A 160 24.14 5.20 4.40
N LEU A 161 23.42 4.13 4.06
CA LEU A 161 23.56 2.88 4.80
C LEU A 161 24.80 2.14 4.34
N ASP A 162 25.37 1.43 5.28
CA ASP A 162 26.56 0.64 5.02
C ASP A 162 26.20 -0.80 5.32
N ARG A 163 25.85 -1.52 4.26
CA ARG A 163 25.42 -2.89 4.41
C ARG A 163 25.80 -3.75 3.24
N ASN A 164 25.86 -5.05 3.53
CA ASN A 164 26.25 -6.04 2.52
CA ASN A 164 26.27 -6.07 2.58
C ASN A 164 25.19 -7.09 2.30
N ASP A 165 24.00 -6.79 2.80
CA ASP A 165 22.87 -7.71 2.71
C ASP A 165 21.58 -7.17 2.11
N ILE A 166 21.70 -6.20 1.20
CA ILE A 166 20.52 -5.72 0.45
C ILE A 166 20.20 -6.77 -0.60
N ILE A 167 19.04 -7.41 -0.42
CA ILE A 167 18.60 -8.48 -1.28
C ILE A 167 17.50 -8.08 -2.25
N LYS A 168 16.92 -6.92 -2.00
CA LYS A 168 15.84 -6.43 -2.90
C LYS A 168 15.72 -4.91 -2.81
N PHE A 169 15.53 -4.31 -3.98
CA PHE A 169 15.23 -2.90 -4.10
C PHE A 169 13.89 -2.85 -4.82
N THR A 170 12.95 -2.15 -4.22
CA THR A 170 11.60 -2.07 -4.72
C THR A 170 11.10 -0.65 -4.93
N VAL A 171 10.49 -0.44 -6.09
CA VAL A 171 9.87 0.87 -6.42
C VAL A 171 8.37 0.72 -6.26
N PHE A 172 7.76 1.74 -5.69
CA PHE A 172 6.32 1.83 -5.48
C PHE A 172 5.70 3.11 -6.04
N HIS A 173 4.56 2.91 -6.65
CA HIS A 173 3.65 4.01 -7.04
C HIS A 173 2.21 3.49 -6.87
N PRO A 174 1.27 4.34 -6.42
CA PRO A 174 -0.11 3.88 -6.26
C PRO A 174 -0.78 3.29 -7.47
N ASP A 175 -0.39 3.70 -8.66
CA ASP A 175 -1.10 3.18 -9.82
C ASP A 175 -0.41 3.14 -11.17
N LYS A 176 0.83 3.62 -11.26
CA LYS A 176 1.54 3.53 -12.56
C LYS A 176 3.02 3.39 -12.37
N CYS A 177 3.37 2.47 -11.49
CA CYS A 177 4.78 2.25 -11.18
C CYS A 177 5.61 1.77 -12.39
N GLU A 178 5.21 0.64 -12.96
CA GLU A 178 5.94 0.10 -14.11
CA GLU A 178 5.97 0.11 -14.10
C GLU A 178 5.96 1.14 -15.23
N GLU A 179 4.83 1.77 -15.41
CA GLU A 179 4.66 2.78 -16.46
C GLU A 179 5.69 3.89 -16.28
N LEU A 180 5.88 4.33 -15.05
CA LEU A 180 6.88 5.36 -14.81
C LEU A 180 8.30 4.84 -14.92
N CYS A 181 8.50 3.56 -14.63
CA CYS A 181 9.83 2.96 -14.66
C CYS A 181 10.29 2.59 -16.06
N THR A 182 9.35 2.48 -16.99
CA THR A 182 9.67 2.00 -18.34
C THR A 182 10.61 2.87 -19.21
N PRO A 183 10.40 4.18 -19.22
CA PRO A 183 11.21 4.99 -20.15
C PRO A 183 12.70 4.98 -19.90
N VAL A 184 13.10 4.92 -18.63
CA VAL A 184 14.53 4.93 -18.26
C VAL A 184 14.98 3.87 -17.23
N PHE A 185 14.24 3.75 -16.13
CA PHE A 185 14.66 2.85 -15.05
C PHE A 185 14.86 1.39 -15.46
N ILE A 186 13.84 0.84 -16.11
CA ILE A 186 13.89 -0.55 -16.54
CA ILE A 186 13.86 -0.55 -16.57
C ILE A 186 15.04 -0.78 -17.54
N PRO A 187 15.12 0.02 -18.61
CA PRO A 187 16.28 -0.29 -19.47
C PRO A 187 17.65 0.02 -18.87
N ALA A 188 17.68 0.94 -17.92
CA ALA A 188 18.94 1.29 -17.31
C ALA A 188 19.47 0.20 -16.38
N TRP A 189 18.60 -0.70 -15.93
CA TRP A 189 19.02 -1.67 -14.91
C TRP A 189 18.77 -3.13 -15.25
N ASN A 190 17.97 -3.37 -16.27
CA ASN A 190 17.52 -4.74 -16.54
C ASN A 190 18.61 -5.68 -17.06
N LYS A 191 19.75 -5.14 -17.45
CA LYS A 191 20.87 -6.00 -17.87
C LYS A 191 21.86 -6.17 -16.73
N LYS A 192 21.65 -5.42 -15.66
CA LYS A 192 22.57 -5.37 -14.55
C LYS A 192 21.96 -5.94 -13.25
N ALA A 193 20.68 -6.24 -13.34
CA ALA A 193 19.89 -6.77 -12.24
C ALA A 193 18.66 -7.52 -12.76
N HIS A 194 18.02 -8.26 -11.86
CA HIS A 194 16.80 -8.94 -12.22
C HIS A 194 15.60 -8.08 -11.79
N LEU A 195 14.87 -7.60 -12.80
CA LEU A 195 13.71 -6.70 -12.61
C LEU A 195 12.38 -7.32 -12.96
N ALA A 196 11.40 -7.14 -12.09
CA ALA A 196 10.06 -7.67 -12.41
C ALA A 196 8.96 -6.79 -11.85
N ALA A 197 8.00 -6.41 -12.70
CA ALA A 197 6.87 -5.62 -12.21
C ALA A 197 5.96 -6.56 -11.45
N ALA A 198 5.25 -5.98 -10.47
CA ALA A 198 4.19 -6.67 -9.75
C ALA A 198 2.97 -5.73 -9.76
N GLY A 199 1.98 -6.08 -10.57
CA GLY A 199 0.83 -5.26 -10.74
C GLY A 199 1.16 -3.88 -11.30
N LYS A 200 0.34 -2.92 -10.91
CA LYS A 200 0.55 -1.56 -11.37
C LYS A 200 1.31 -0.76 -10.36
N GLU A 201 1.60 -1.39 -9.21
CA GLU A 201 2.15 -0.63 -8.10
C GLU A 201 3.62 -0.85 -7.78
N TRP A 202 4.18 -1.98 -8.19
CA TRP A 202 5.53 -2.35 -7.79
C TRP A 202 6.44 -2.77 -8.92
N VAL A 203 7.70 -2.44 -8.73
CA VAL A 203 8.79 -2.98 -9.52
C VAL A 203 9.85 -3.51 -8.53
N ASP A 204 10.05 -4.80 -8.55
CA ASP A 204 11.00 -5.50 -7.66
C ASP A 204 12.28 -5.80 -8.40
N CYS A 205 13.36 -5.51 -7.73
CA CYS A 205 14.69 -5.73 -8.30
C CYS A 205 15.54 -6.53 -7.33
N ASN A 206 16.18 -7.54 -7.89
CA ASN A 206 17.12 -8.36 -7.16
C ASN A 206 18.39 -8.46 -7.97
N ALA A 207 19.37 -9.15 -7.39
CA ALA A 207 20.66 -9.32 -8.06
C ALA A 207 20.49 -10.08 -9.35
N LYS A 208 21.32 -9.72 -10.34
CA LYS A 208 21.29 -10.43 -11.61
C LYS A 208 21.48 -11.93 -11.37
N GLY A 209 20.64 -12.71 -12.00
CA GLY A 209 20.73 -14.17 -11.95
C GLY A 209 19.97 -14.85 -10.83
N VAL A 210 19.33 -14.05 -10.03
CA VAL A 210 18.54 -14.59 -8.90
C VAL A 210 17.30 -15.31 -9.40
N SER A 211 17.06 -16.47 -8.81
CA SER A 211 15.82 -17.18 -9.04
C SER A 211 15.65 -18.33 -8.06
N LYS A 212 14.45 -18.88 -8.03
CA LYS A 212 14.20 -20.06 -7.22
C LYS A 212 15.09 -21.22 -7.69
N TRP A 213 15.24 -21.37 -9.00
CA TRP A 213 16.06 -22.49 -9.52
C TRP A 213 17.54 -22.31 -9.23
N THR A 214 18.02 -21.07 -9.31
CA THR A 214 19.41 -20.79 -8.97
C THR A 214 19.74 -21.24 -7.55
N ALA A 215 18.86 -20.81 -6.65
CA ALA A 215 19.02 -21.10 -5.23
C ALA A 215 18.86 -22.60 -4.98
N LEU A 216 17.89 -23.21 -5.64
CA LEU A 216 17.67 -24.64 -5.45
C LEU A 216 18.84 -25.43 -5.98
N SER A 217 19.39 -24.97 -7.10
CA SER A 217 20.54 -25.64 -7.72
C SER A 217 21.75 -25.62 -6.79
N TYR A 218 21.86 -24.54 -6.03
CA TYR A 218 22.91 -24.38 -5.04
C TYR A 218 22.86 -25.53 -4.03
N LEU A 219 21.65 -25.82 -3.56
CA LEU A 219 21.43 -26.89 -2.61
C LEU A 219 21.64 -28.26 -3.24
N ILE A 220 21.13 -28.44 -4.45
CA ILE A 220 21.26 -29.72 -5.13
C ILE A 220 22.73 -30.08 -5.25
N ASP A 221 23.52 -29.07 -5.63
CA ASP A 221 24.96 -29.26 -5.80
C ASP A 221 25.59 -29.53 -4.47
N ARG A 222 25.17 -28.77 -3.46
CA ARG A 222 25.76 -28.88 -2.12
C ARG A 222 25.64 -30.28 -1.56
N PHE A 223 24.53 -30.91 -1.88
CA PHE A 223 24.26 -32.26 -1.35
C PHE A 223 24.62 -33.36 -2.31
N ASP A 224 25.34 -32.96 -3.34
CA ASP A 224 25.92 -33.85 -4.36
C ASP A 224 24.84 -34.67 -5.03
N LEU A 225 23.74 -33.99 -5.35
CA LEU A 225 22.63 -34.60 -6.01
C LEU A 225 22.55 -34.10 -7.41
N LEU A 226 21.60 -34.66 -8.12
CA LEU A 226 21.29 -34.27 -9.49
C LEU A 226 19.84 -33.83 -9.57
N PRO A 227 19.52 -32.94 -10.53
CA PRO A 227 18.13 -32.49 -10.67
C PRO A 227 17.17 -33.66 -10.86
N ASP A 228 17.70 -34.78 -11.37
CA ASP A 228 16.86 -35.94 -11.67
C ASP A 228 16.34 -36.60 -10.41
N GLU A 229 16.96 -36.23 -9.30
CA GLU A 229 16.69 -36.81 -7.97
C GLU A 229 15.84 -35.89 -7.15
N VAL A 230 15.35 -34.87 -7.82
CA VAL A 230 14.52 -33.83 -7.17
C VAL A 230 13.05 -33.88 -7.59
N CYS A 231 12.18 -33.62 -6.61
CA CYS A 231 10.76 -33.44 -6.85
C CYS A 231 10.35 -32.02 -6.39
N CYS A 232 9.76 -31.24 -7.31
CA CYS A 232 9.25 -29.89 -7.03
C CYS A 232 7.74 -29.79 -7.18
N PHE A 233 7.16 -28.97 -6.32
CA PHE A 233 5.76 -28.64 -6.33
C PHE A 233 5.62 -27.14 -6.51
N GLY A 234 4.72 -26.76 -7.38
CA GLY A 234 4.49 -25.33 -7.64
C GLY A 234 3.15 -24.93 -8.20
N ASP A 235 2.94 -23.62 -8.28
CA ASP A 235 1.68 -23.09 -8.77
C ASP A 235 1.76 -21.78 -9.55
N ASN A 236 2.98 -21.30 -9.74
CA ASN A 236 3.25 -19.96 -10.28
C ASN A 236 4.12 -20.00 -11.53
N LEU A 237 3.95 -19.00 -12.38
CA LEU A 237 4.79 -18.93 -13.58
C LEU A 237 6.26 -18.90 -13.14
N ASN A 238 6.55 -18.31 -11.98
CA ASN A 238 7.94 -18.25 -11.50
C ASN A 238 8.49 -19.62 -11.02
N ASP A 239 7.64 -20.63 -11.06
CA ASP A 239 8.02 -22.00 -10.65
C ASP A 239 8.34 -22.85 -11.85
N ILE A 240 8.13 -22.28 -13.02
CA ILE A 240 8.28 -23.06 -14.26
C ILE A 240 9.66 -23.70 -14.45
N GLU A 241 10.70 -22.92 -14.19
CA GLU A 241 12.07 -23.44 -14.39
C GLU A 241 12.32 -24.64 -13.48
N LEU A 243 10.07 -26.58 -12.08
CA LEU A 243 9.14 -27.68 -12.48
C LEU A 243 9.71 -28.43 -13.69
N GLN A 244 10.32 -27.68 -14.59
CA GLN A 244 10.92 -28.27 -15.81
C GLN A 244 12.19 -29.02 -15.58
N ASN A 245 12.99 -28.52 -14.66
CA ASN A 245 14.33 -29.09 -14.43
C ASN A 245 14.35 -30.26 -13.45
N ALA A 246 13.37 -30.30 -12.56
CA ALA A 246 13.25 -31.38 -11.56
C ALA A 246 12.87 -32.69 -12.26
N GLY A 247 13.44 -33.80 -11.80
CA GLY A 247 13.16 -35.12 -12.38
C GLY A 247 11.69 -35.44 -12.39
N ILE A 248 11.02 -35.00 -11.31
CA ILE A 248 9.57 -35.15 -11.16
C ILE A 248 9.07 -33.86 -10.56
N SER A 249 7.88 -33.46 -10.97
CA SER A 249 7.29 -32.23 -10.50
C SER A 249 5.79 -32.25 -10.65
N TYR A 250 5.18 -31.43 -9.80
CA TYR A 250 3.73 -31.29 -9.73
C TYR A 250 3.29 -29.87 -9.68
N ALA A 251 2.29 -29.58 -10.53
CA ALA A 251 1.55 -28.33 -10.52
C ALA A 251 0.19 -28.50 -9.94
N VAL A 252 -0.18 -27.58 -9.06
CA VAL A 252 -1.56 -27.58 -8.54
C VAL A 252 -2.48 -27.37 -9.76
N SER A 253 -3.62 -28.05 -9.75
CA SER A 253 -4.50 -28.09 -10.94
C SER A 253 -5.19 -26.77 -11.26
N ASN A 254 -5.16 -25.83 -10.32
CA ASN A 254 -5.80 -24.54 -10.53
C ASN A 254 -4.83 -23.52 -11.08
N ALA A 255 -3.61 -23.97 -11.34
CA ALA A 255 -2.54 -23.11 -11.85
C ALA A 255 -2.77 -22.82 -13.33
N ARG A 256 -2.08 -21.84 -13.84
CA ARG A 256 -2.13 -21.56 -15.28
C ARG A 256 -1.67 -22.74 -16.10
N GLN A 257 -2.18 -22.77 -17.32
CA GLN A 257 -1.86 -23.78 -18.31
C GLN A 257 -0.37 -23.99 -18.52
N GLU A 258 0.37 -22.89 -18.49
CA GLU A 258 1.82 -22.98 -18.72
C GLU A 258 2.53 -23.67 -17.58
N VAL A 259 1.99 -23.48 -16.37
CA VAL A 259 2.61 -24.09 -15.16
C VAL A 259 2.32 -25.58 -15.25
N ILE A 260 1.07 -25.91 -15.56
CA ILE A 260 0.67 -27.31 -15.68
C ILE A 260 1.54 -27.99 -16.71
N ALA A 261 1.84 -27.30 -17.80
CA ALA A 261 2.58 -27.91 -18.91
C ALA A 261 4.03 -28.10 -18.55
N ALA A 262 4.52 -27.25 -17.66
CA ALA A 262 5.94 -27.32 -17.25
C ALA A 262 6.17 -28.52 -16.35
N ALA A 263 5.15 -28.83 -15.58
CA ALA A 263 5.24 -29.91 -14.54
C ALA A 263 5.06 -31.29 -15.13
N LYS A 264 5.66 -32.31 -14.50
CA LYS A 264 5.44 -33.66 -15.03
C LYS A 264 4.01 -34.15 -14.77
N HIS A 265 3.40 -33.71 -13.66
CA HIS A 265 2.03 -34.08 -13.30
C HIS A 265 1.31 -32.96 -12.61
N THR A 266 0.04 -33.20 -12.35
CA THR A 266 -0.74 -32.24 -11.60
C THR A 266 -1.19 -32.87 -10.29
N CYS A 267 -1.50 -32.02 -9.34
CA CYS A 267 -2.10 -32.47 -8.09
C CYS A 267 -3.26 -31.53 -7.82
N ALA A 268 -4.06 -31.88 -6.82
CA ALA A 268 -5.24 -31.10 -6.46
C ALA A 268 -4.86 -29.76 -5.85
N PRO A 269 -5.81 -28.82 -5.82
CA PRO A 269 -5.57 -27.52 -5.25
C PRO A 269 -5.32 -27.58 -3.74
N TYR A 270 -4.83 -26.49 -3.18
CA TYR A 270 -4.49 -26.50 -1.78
C TYR A 270 -5.72 -26.75 -0.91
N TRP A 271 -6.89 -26.41 -1.44
CA TRP A 271 -8.13 -26.51 -0.66
C TRP A 271 -8.63 -27.93 -0.64
N GLU A 272 -7.88 -28.78 -1.34
CA GLU A 272 -8.13 -30.21 -1.39
C GLU A 272 -6.91 -30.96 -0.88
N ASN A 273 -5.97 -30.19 -0.34
CA ASN A 273 -4.76 -30.80 0.20
C ASN A 273 -4.09 -31.73 -0.83
N GLY A 274 -3.97 -31.24 -2.06
CA GLY A 274 -3.37 -32.04 -3.14
C GLY A 274 -1.91 -32.40 -2.97
N VAL A 275 -1.12 -31.46 -2.50
CA VAL A 275 0.31 -31.77 -2.31
C VAL A 275 0.43 -32.86 -1.22
N LEU A 276 -0.43 -32.77 -0.22
CA LEU A 276 -0.39 -33.75 0.89
C LEU A 276 -0.57 -35.14 0.33
N SER A 277 -1.51 -35.28 -0.60
CA SER A 277 -1.77 -36.60 -1.19
CA SER A 277 -1.80 -36.58 -1.20
C SER A 277 -0.59 -37.16 -1.92
N VAL A 278 0.14 -36.31 -2.62
CA VAL A 278 1.31 -36.79 -3.34
C VAL A 278 2.41 -37.17 -2.37
N LEU A 279 2.62 -36.31 -1.39
CA LEU A 279 3.66 -36.59 -0.41
C LEU A 279 3.37 -37.95 0.26
N LYS A 280 2.10 -38.21 0.54
CA LYS A 280 1.73 -39.51 1.20
C LYS A 280 2.07 -40.65 0.29
N SER A 281 1.93 -40.41 -1.01
CA SER A 281 2.20 -41.48 -2.00
C SER A 281 3.68 -41.84 -2.05
N PHE A 282 4.52 -41.02 -1.44
CA PHE A 282 5.96 -41.28 -1.42
C PHE A 282 6.38 -42.02 -0.17
N LEU A 283 5.42 -42.24 0.71
CA LEU A 283 5.74 -42.87 2.02
C LEU A 283 5.99 -44.36 1.87
N HIS B 10 -16.67 -15.49 32.30
CA HIS B 10 -16.08 -14.43 31.42
C HIS B 10 -16.22 -14.73 29.94
N HIS B 11 -16.87 -13.79 29.28
CA HIS B 11 -17.05 -13.86 27.83
C HIS B 11 -16.92 -12.44 27.34
N HIS B 12 -15.92 -12.22 26.50
CA HIS B 12 -15.62 -10.87 26.01
C HIS B 12 -15.51 -10.83 24.50
N GLU B 13 -16.66 -10.55 23.93
CA GLU B 13 -16.87 -10.43 22.50
C GLU B 13 -17.47 -9.05 22.24
N ASN B 14 -16.99 -8.41 21.19
CA ASN B 14 -17.45 -7.05 20.88
C ASN B 14 -18.64 -7.05 19.94
N LEU B 15 -19.71 -6.38 20.39
CA LEU B 15 -20.94 -6.20 19.60
C LEU B 15 -21.00 -4.76 19.19
N TYR B 16 -20.40 -4.50 18.05
CA TYR B 16 -20.26 -3.13 17.57
C TYR B 16 -21.57 -2.45 17.25
N PHE B 17 -22.61 -3.22 17.02
CA PHE B 17 -23.85 -2.62 16.57
C PHE B 17 -24.91 -2.46 17.62
N GLN B 18 -24.52 -2.63 18.87
CA GLN B 18 -25.50 -2.66 19.94
C GLN B 18 -25.18 -1.61 20.97
N GLY B 19 -24.71 -0.46 20.48
N GLY B 19 -23.99 -1.04 20.69
CA GLY B 19 -24.52 0.77 21.30
CA GLY B 19 -23.38 -0.08 21.61
C GLY B 19 -23.12 1.24 21.70
C GLY B 19 -21.85 0.17 21.80
N ILE B 21 -19.96 1.43 19.73
CA ILE B 21 -19.39 2.45 18.77
C ILE B 21 -19.84 3.83 19.20
N LYS B 22 -18.89 4.74 19.35
CA LYS B 22 -19.20 6.11 19.78
C LYS B 22 -18.89 7.15 18.71
N LEU B 23 -18.13 6.73 17.71
CA LEU B 23 -17.74 7.65 16.60
C LEU B 23 -17.65 6.87 15.32
N ILE B 24 -18.29 7.44 14.30
CA ILE B 24 -18.23 6.88 12.94
C ILE B 24 -17.61 7.88 12.01
N ALA B 25 -16.60 7.44 11.28
CA ALA B 25 -15.95 8.30 10.26
C ALA B 25 -16.05 7.66 8.89
N THR B 26 -16.36 8.47 7.92
CA THR B 26 -16.38 7.95 6.57
C THR B 26 -15.82 8.91 5.57
N ASP B 27 -15.15 8.34 4.58
CA ASP B 27 -14.78 9.23 3.47
CA ASP B 27 -14.71 8.97 3.37
C ASP B 27 -15.95 9.24 2.50
N ILE B 28 -15.75 9.97 1.42
CA ILE B 28 -16.83 10.31 0.48
C ILE B 28 -16.69 9.74 -0.91
N ASP B 29 -15.68 10.20 -1.64
CA ASP B 29 -15.51 9.78 -3.04
C ASP B 29 -15.13 8.35 -3.23
N GLY B 30 -16.01 7.63 -3.90
CA GLY B 30 -15.83 6.22 -4.19
C GLY B 30 -16.35 5.34 -3.06
N THR B 31 -16.69 5.96 -1.95
CA THR B 31 -17.22 5.26 -0.76
C THR B 31 -18.73 5.43 -0.62
N LEU B 32 -19.16 6.68 -0.64
CA LEU B 32 -20.56 7.00 -0.53
C LEU B 32 -21.22 7.36 -1.86
N VAL B 33 -20.42 7.98 -2.70
CA VAL B 33 -20.90 8.51 -4.00
C VAL B 33 -19.84 8.39 -5.04
N LYS B 34 -20.28 8.49 -6.30
CA LYS B 34 -19.34 8.56 -7.41
C LYS B 34 -18.45 9.76 -7.21
N ASP B 35 -17.16 9.57 -7.45
CA ASP B 35 -16.19 10.66 -7.28
C ASP B 35 -16.67 11.96 -7.91
N GLY B 36 -16.64 13.00 -7.09
CA GLY B 36 -17.02 14.35 -7.50
C GLY B 36 -18.50 14.67 -7.45
N SER B 37 -19.31 13.70 -7.08
CA SER B 37 -20.76 13.92 -7.01
C SER B 37 -21.22 14.95 -5.98
N LEU B 38 -22.23 15.73 -6.36
CA LEU B 38 -22.80 16.79 -5.50
C LEU B 38 -24.07 16.28 -4.89
N LEU B 39 -24.41 15.06 -5.28
CA LEU B 39 -25.64 14.40 -4.83
C LEU B 39 -25.45 13.14 -4.05
N ILE B 40 -26.37 12.91 -3.12
CA ILE B 40 -26.36 11.66 -2.28
C ILE B 40 -27.79 11.29 -1.86
N ASP B 41 -28.05 10.01 -1.77
CA ASP B 41 -29.37 9.45 -1.39
C ASP B 41 -29.81 10.08 -0.06
N PRO B 42 -31.01 10.70 0.00
CA PRO B 42 -31.42 11.33 1.26
C PRO B 42 -31.54 10.41 2.44
N GLU B 43 -31.65 9.10 2.18
CA GLU B 43 -31.75 8.15 3.28
C GLU B 43 -30.46 8.19 4.12
N TYR B 44 -29.35 8.54 3.48
CA TYR B 44 -28.09 8.70 4.23
C TYR B 44 -28.27 9.78 5.31
N SER B 46 -31.09 10.87 6.69
CA SER B 46 -32.01 10.41 7.71
C SER B 46 -31.37 9.45 8.72
N VAL B 47 -30.64 8.49 8.21
CA VAL B 47 -29.95 7.50 9.08
C VAL B 47 -28.85 8.15 9.91
N ILE B 48 -28.08 9.01 9.26
CA ILE B 48 -26.98 9.70 9.98
C ILE B 48 -27.53 10.56 11.10
N ASP B 49 -28.60 11.27 10.79
CA ASP B 49 -29.28 12.14 11.77
C ASP B 49 -29.71 11.31 12.98
N ARG B 50 -30.28 10.14 12.72
CA ARG B 50 -30.69 9.23 13.83
C ARG B 50 -29.54 8.75 14.70
N LEU B 51 -28.45 8.44 14.02
CA LEU B 51 -27.26 7.95 14.71
C LEU B 51 -26.71 9.01 15.65
N ILE B 52 -26.67 10.23 15.15
CA ILE B 52 -26.13 11.37 15.92
C ILE B 52 -27.08 11.62 17.09
N ASP B 53 -28.37 11.55 16.83
CA ASP B 53 -29.36 11.75 17.92
C ASP B 53 -29.26 10.65 19.01
N LYS B 54 -28.71 9.51 18.64
CA LYS B 54 -28.46 8.38 19.54
C LYS B 54 -27.19 8.60 20.35
N GLY B 55 -26.46 9.64 20.00
CA GLY B 55 -25.25 10.02 20.71
C GLY B 55 -23.92 9.65 20.05
N ILE B 56 -24.01 9.17 18.83
CA ILE B 56 -22.81 8.80 18.07
C ILE B 56 -22.29 10.08 17.38
N ILE B 57 -20.98 10.23 17.42
CA ILE B 57 -20.30 11.36 16.76
C ILE B 57 -20.07 10.93 15.33
N PHE B 58 -20.52 11.74 14.38
CA PHE B 58 -20.34 11.39 12.96
C PHE B 58 -19.40 12.37 12.30
N VAL B 59 -18.38 11.79 11.66
CA VAL B 59 -17.33 12.58 11.01
C VAL B 59 -17.18 12.27 9.56
N VAL B 60 -17.28 13.34 8.77
CA VAL B 60 -16.99 13.29 7.34
C VAL B 60 -15.46 13.49 7.21
N CYS B 61 -14.77 12.52 6.62
CA CYS B 61 -13.29 12.47 6.63
C CYS B 61 -12.78 12.17 5.23
N SER B 62 -12.48 13.27 4.53
CA SER B 62 -12.24 13.27 3.08
C SER B 62 -11.16 14.20 2.53
N GLY B 63 -10.75 13.92 1.29
CA GLY B 63 -9.86 14.83 0.59
C GLY B 63 -10.55 16.09 0.09
N ARG B 64 -11.87 16.10 0.14
CA ARG B 64 -12.62 17.25 -0.32
C ARG B 64 -12.42 18.49 0.53
N GLN B 65 -12.67 19.62 -0.11
CA GLN B 65 -12.71 20.92 0.55
C GLN B 65 -13.94 21.00 1.44
N PHE B 66 -13.88 21.81 2.47
CA PHE B 66 -15.01 21.94 3.40
C PHE B 66 -16.29 22.25 2.67
N SER B 67 -16.20 23.16 1.71
CA SER B 67 -17.43 23.62 1.04
C SER B 67 -18.13 22.49 0.31
N SER B 68 -17.36 21.58 -0.26
CA SER B 68 -17.90 20.46 -0.96
C SER B 68 -18.57 19.48 -0.01
N GLU B 69 -17.93 19.26 1.13
CA GLU B 69 -18.49 18.37 2.16
C GLU B 69 -19.82 18.93 2.69
N PHE B 70 -19.77 20.21 3.00
CA PHE B 70 -20.87 20.93 3.68
C PHE B 70 -22.08 20.98 2.76
N LYS B 71 -21.80 21.06 1.48
CA LYS B 71 -22.90 21.09 0.48
C LYS B 71 -23.56 19.73 0.30
N LEU B 72 -22.75 18.70 0.26
CA LEU B 72 -23.24 17.36 0.05
C LEU B 72 -24.14 16.91 1.18
N PHE B 73 -23.80 17.37 2.38
CA PHE B 73 -24.51 16.98 3.59
C PHE B 73 -25.43 18.07 4.09
N ALA B 74 -25.86 18.89 3.14
CA ALA B 74 -26.63 20.08 3.47
C ALA B 74 -27.81 19.94 4.47
N PRO B 75 -28.67 18.92 4.31
CA PRO B 75 -29.82 18.82 5.23
C PRO B 75 -29.48 18.66 6.70
N ILE B 76 -28.33 18.08 6.99
CA ILE B 76 -27.94 17.83 8.37
C ILE B 76 -26.56 18.41 8.66
N LYS B 77 -26.22 19.45 7.91
CA LYS B 77 -24.84 19.96 7.99
C LYS B 77 -24.41 20.46 9.34
N HIS B 78 -25.37 20.92 10.11
CA HIS B 78 -25.13 21.54 11.43
C HIS B 78 -24.78 20.53 12.53
N LYS B 79 -24.90 19.25 12.22
CA LYS B 79 -24.74 18.22 13.22
C LYS B 79 -23.50 17.37 13.07
N LEU B 80 -22.74 17.62 12.02
CA LEU B 80 -21.54 16.82 11.67
C LEU B 80 -20.25 17.47 12.10
N LEU B 81 -19.22 16.61 12.21
CA LEU B 81 -17.85 17.09 12.34
C LEU B 81 -17.20 16.84 10.97
N TYR B 82 -16.21 17.67 10.66
CA TYR B 82 -15.59 17.64 9.32
C TYR B 82 -14.07 17.61 9.36
N ILE B 83 -13.53 16.65 8.63
CA ILE B 83 -12.09 16.56 8.36
C ILE B 83 -12.00 16.78 6.85
N THR B 84 -11.25 17.82 6.48
CA THR B 84 -11.21 18.28 5.11
C THR B 84 -9.80 18.25 4.55
N ASP B 85 -9.70 18.23 3.25
CA ASP B 85 -8.40 18.33 2.58
C ASP B 85 -7.45 17.21 3.00
N GLY B 86 -8.03 16.06 3.24
CA GLY B 86 -7.21 14.91 3.51
C GLY B 86 -6.59 14.90 4.87
N GLY B 87 -7.15 15.74 5.74
CA GLY B 87 -6.70 15.81 7.11
C GLY B 87 -5.98 17.08 7.54
N THR B 88 -5.96 18.08 6.65
CA THR B 88 -5.29 19.35 6.99
CA THR B 88 -5.28 19.29 6.96
C THR B 88 -6.10 20.20 7.92
N VAL B 89 -7.42 19.98 7.95
CA VAL B 89 -8.34 20.78 8.79
C VAL B 89 -9.39 19.89 9.44
N VAL B 90 -9.59 20.17 10.70
CA VAL B 90 -10.62 19.55 11.52
C VAL B 90 -11.51 20.68 12.02
N ARG B 91 -12.81 20.60 11.77
CA ARG B 91 -13.70 21.68 12.16
C ARG B 91 -15.11 21.20 12.43
N THR B 92 -15.82 22.01 13.19
CA THR B 92 -17.23 21.86 13.40
C THR B 92 -17.89 22.76 12.34
N PRO B 93 -19.22 22.74 12.26
CA PRO B 93 -19.82 23.55 11.24
C PRO B 93 -19.55 25.03 11.41
N LYS B 94 -19.22 25.42 12.63
CA LYS B 94 -19.02 26.82 13.00
C LYS B 94 -17.61 27.26 13.34
N GLU B 95 -16.78 26.33 13.81
CA GLU B 95 -15.44 26.67 14.30
C GLU B 95 -14.38 25.69 13.83
N ILE B 96 -13.21 26.21 13.48
CA ILE B 96 -12.05 25.36 13.13
C ILE B 96 -11.42 24.88 14.42
N LEU B 97 -11.21 23.57 14.55
CA LEU B 97 -10.64 23.03 15.78
C LEU B 97 -9.15 22.86 15.69
N LYS B 98 -8.70 22.44 14.51
CA LYS B 98 -7.29 22.14 14.33
C LYS B 98 -6.93 22.28 12.88
N THR B 99 -5.78 22.89 12.61
CA THR B 99 -5.27 22.91 11.23
C THR B 99 -3.82 22.49 11.20
N TYR B 100 -3.36 22.04 10.05
CA TYR B 100 -1.97 21.67 9.85
C TYR B 100 -1.44 22.43 8.64
N PRO B 101 -1.14 23.72 8.86
CA PRO B 101 -0.74 24.50 7.71
C PRO B 101 0.70 24.36 7.36
N ASP B 103 4.45 25.90 6.53
CA ASP B 103 5.29 27.05 6.90
C ASP B 103 5.44 28.04 5.74
N GLU B 104 5.54 29.28 6.10
CA GLU B 104 5.64 30.37 5.15
C GLU B 104 6.74 30.15 4.11
N ASP B 105 7.93 29.75 4.57
CA ASP B 105 9.05 29.59 3.62
CA ASP B 105 9.07 29.56 3.66
C ASP B 105 8.80 28.51 2.60
N ILE B 106 7.97 27.53 2.97
CA ILE B 106 7.65 26.42 2.09
C ILE B 106 6.65 26.88 1.02
N TRP B 107 5.47 27.35 1.42
CA TRP B 107 4.49 27.74 0.39
C TRP B 107 4.94 28.92 -0.47
N LYS B 108 5.61 29.90 0.13
CA LYS B 108 6.13 31.02 -0.65
C LYS B 108 7.25 30.57 -1.60
N GLY B 109 8.03 29.59 -1.17
CA GLY B 109 9.11 29.07 -2.01
C GLY B 109 8.49 28.38 -3.21
N CYS B 111 5.55 29.19 -4.48
CA CYS B 111 5.00 30.25 -5.32
C CYS B 111 6.10 30.74 -6.27
N ARG B 112 7.25 31.06 -5.69
CA ARG B 112 8.35 31.59 -6.52
CA ARG B 112 8.37 31.58 -6.49
C ARG B 112 8.81 30.60 -7.56
N VAL B 114 7.11 28.13 -9.10
CA VAL B 114 6.19 27.95 -10.21
C VAL B 114 6.28 29.17 -11.14
N ARG B 115 6.28 30.32 -10.53
CA ARG B 115 6.27 31.58 -11.27
C ARG B 115 7.49 31.69 -12.11
N ASP B 116 8.60 31.32 -11.52
CA ASP B 116 9.90 31.52 -12.15
C ASP B 116 10.45 30.34 -12.97
N GLU B 117 10.12 29.11 -12.59
CA GLU B 117 10.70 27.91 -13.23
C GLU B 117 9.73 26.97 -13.93
N LEU B 118 8.45 27.22 -13.77
CA LEU B 118 7.41 26.46 -14.47
C LEU B 118 6.53 27.44 -15.27
N PRO B 119 7.09 28.06 -16.31
CA PRO B 119 6.43 29.13 -17.04
C PRO B 119 5.10 28.79 -17.67
N ALA B 120 4.94 27.54 -18.08
CA ALA B 120 3.69 27.06 -18.71
C ALA B 120 2.59 26.75 -17.69
N CYS B 121 2.97 26.76 -16.42
CA CYS B 121 2.02 26.37 -15.36
C CYS B 121 1.54 27.55 -14.54
N ASP B 122 0.43 27.35 -13.89
CA ASP B 122 -0.06 28.31 -12.93
C ASP B 122 -0.19 27.63 -11.58
N TYR B 123 -0.65 28.41 -10.61
CA TYR B 123 -0.78 27.86 -9.24
C TYR B 123 -1.74 28.63 -8.43
N PHE B 124 -2.22 27.99 -7.39
CA PHE B 124 -3.06 28.67 -6.42
C PHE B 124 -2.80 28.10 -5.06
N ALA B 125 -3.13 28.90 -4.05
CA ALA B 125 -3.02 28.45 -2.68
C ALA B 125 -4.37 28.53 -2.04
N ALA B 126 -4.45 27.88 -0.89
CA ALA B 126 -5.72 27.85 -0.17
C ALA B 126 -5.56 27.90 1.32
N THR B 127 -6.52 28.60 1.90
CA THR B 127 -6.77 28.57 3.35
C THR B 127 -7.89 27.54 3.58
N PRO B 128 -8.32 27.35 4.83
CA PRO B 128 -9.39 26.39 5.04
C PRO B 128 -10.70 26.78 4.41
N ASP B 129 -10.80 28.05 3.99
CA ASP B 129 -12.08 28.60 3.52
C ASP B 129 -12.12 29.17 2.11
N PHE B 130 -10.96 29.51 1.58
CA PHE B 130 -10.91 30.05 0.25
C PHE B 130 -9.57 29.84 -0.44
N CYS B 131 -9.62 29.94 -1.75
CA CYS B 131 -8.38 29.80 -2.51
CA CYS B 131 -8.43 29.78 -2.60
C CYS B 131 -8.09 31.12 -3.20
N PHE B 132 -6.81 31.33 -3.44
CA PHE B 132 -6.35 32.57 -4.02
C PHE B 132 -5.19 32.38 -4.95
N ALA B 133 -5.08 33.31 -5.87
CA ALA B 133 -4.05 33.24 -6.88
C ALA B 133 -3.77 34.61 -7.42
N GLU B 134 -2.63 34.69 -8.10
CA GLU B 134 -2.16 35.90 -8.73
C GLU B 134 -2.08 35.67 -10.22
N ASP B 135 -2.78 36.49 -10.98
CA ASP B 135 -2.79 36.34 -12.44
C ASP B 135 -1.51 36.93 -12.96
N GLY B 136 -0.67 36.07 -13.51
CA GLY B 136 0.62 36.49 -14.03
C GLY B 136 0.53 36.66 -15.53
N GLY B 137 -0.69 36.52 -16.04
CA GLY B 137 -0.95 36.72 -17.50
C GLY B 137 -0.84 35.51 -18.42
N SER B 138 -0.82 34.31 -17.83
CA SER B 138 -0.74 33.07 -18.63
C SER B 138 -2.02 32.88 -19.43
N PRO B 139 -1.96 32.08 -20.49
CA PRO B 139 -3.15 31.81 -21.28
C PRO B 139 -4.08 30.79 -20.62
N ILE B 140 -3.61 30.22 -19.50
CA ILE B 140 -4.36 29.17 -18.80
C ILE B 140 -5.03 29.65 -17.51
N PHE B 141 -4.59 30.79 -17.01
CA PHE B 141 -5.13 31.32 -15.75
C PHE B 141 -6.68 31.38 -15.70
N HIS B 142 -7.28 31.87 -16.77
CA HIS B 142 -8.74 32.09 -16.77
C HIS B 142 -9.51 30.77 -16.66
N LEU B 143 -8.86 29.68 -17.06
CA LEU B 143 -9.47 28.35 -17.02
C LEU B 143 -9.85 27.94 -15.58
N LEU B 144 -9.08 28.43 -14.63
CA LEU B 144 -9.33 28.07 -13.24
C LEU B 144 -10.78 28.39 -12.87
N ARG B 145 -11.23 29.57 -13.23
CA ARG B 145 -12.59 29.97 -12.87
C ARG B 145 -13.60 29.74 -13.97
N ASP B 146 -13.19 30.03 -15.20
CA ASP B 146 -14.08 29.95 -16.35
CA ASP B 146 -14.13 29.95 -16.32
C ASP B 146 -14.38 28.50 -16.73
N SER B 147 -13.47 27.61 -16.35
CA SER B 147 -13.63 26.21 -16.75
C SER B 147 -13.81 25.20 -15.63
N TYR B 148 -13.13 25.43 -14.51
CA TYR B 148 -13.20 24.51 -13.36
C TYR B 148 -14.20 25.08 -12.37
N GLY B 149 -14.73 26.24 -12.79
CA GLY B 149 -15.77 26.99 -12.07
C GLY B 149 -15.44 27.36 -10.63
N PHE B 150 -14.18 27.63 -10.37
CA PHE B 150 -13.76 27.99 -9.01
C PHE B 150 -14.04 29.43 -8.65
N GLU B 151 -14.36 29.60 -7.37
CA GLU B 151 -14.38 30.92 -6.76
C GLU B 151 -12.93 31.01 -6.36
N ARG B 153 -10.04 33.73 -5.51
CA ARG B 153 -9.81 35.10 -5.13
CA ARG B 153 -9.78 35.11 -5.14
C ARG B 153 -8.46 35.60 -5.70
N GLU B 154 -8.50 36.68 -6.44
CA GLU B 154 -7.27 37.21 -7.01
C GLU B 154 -6.57 38.14 -6.04
N VAL B 155 -5.27 37.96 -5.92
CA VAL B 155 -4.44 38.83 -5.11
C VAL B 155 -3.29 39.39 -5.92
N ASP B 156 -2.82 40.54 -5.52
CA ASP B 156 -1.79 41.23 -6.27
C ASP B 156 -0.41 40.69 -6.07
N ASP B 157 -0.05 40.56 -4.79
CA ASP B 157 1.31 40.18 -4.43
C ASP B 157 1.28 39.06 -3.42
N ILE B 158 1.05 37.89 -3.96
CA ILE B 158 0.87 36.70 -3.15
C ILE B 158 2.01 36.42 -2.18
N THR B 159 3.26 36.58 -2.60
CA THR B 159 4.34 36.26 -1.67
C THR B 159 4.54 37.35 -0.62
N ARG B 160 3.75 38.41 -0.68
CA ARG B 160 3.84 39.47 0.33
C ARG B 160 2.80 39.33 1.43
N LEU B 161 1.96 38.30 1.30
CA LEU B 161 0.91 38.05 2.30
C LEU B 161 1.52 37.62 3.61
N ASP B 162 0.93 38.13 4.67
CA ASP B 162 1.30 37.75 6.00
C ASP B 162 0.13 36.99 6.63
N ARG B 163 0.16 35.68 6.47
CA ARG B 163 -0.90 34.78 6.93
C ARG B 163 -0.28 33.52 7.52
N ASN B 164 -1.05 32.82 8.33
CA ASN B 164 -0.55 31.59 8.95
C ASN B 164 -1.46 30.42 8.72
N ASP B 165 -2.26 30.48 7.66
CA ASP B 165 -3.32 29.53 7.47
C ASP B 165 -3.38 28.93 6.08
N ILE B 166 -2.21 28.84 5.47
CA ILE B 166 -2.11 28.24 4.15
C ILE B 166 -1.99 26.72 4.32
N ILE B 167 -3.02 26.03 3.87
CA ILE B 167 -3.15 24.58 4.01
C ILE B 167 -2.82 23.77 2.77
N LYS B 168 -2.89 24.43 1.63
CA LYS B 168 -2.66 23.79 0.33
C LYS B 168 -2.08 24.72 -0.68
N PHE B 169 -1.22 24.14 -1.50
CA PHE B 169 -0.61 24.82 -2.66
C PHE B 169 -0.78 23.87 -3.81
N THR B 170 -1.30 24.38 -4.92
CA THR B 170 -1.57 23.53 -6.07
C THR B 170 -1.01 24.09 -7.36
N VAL B 171 -0.33 23.23 -8.11
CA VAL B 171 0.18 23.58 -9.45
C VAL B 171 -0.86 23.10 -10.46
N PHE B 172 -1.12 23.97 -11.43
CA PHE B 172 -2.10 23.70 -12.51
C PHE B 172 -1.50 23.80 -13.90
N HIS B 173 -1.84 22.82 -14.72
CA HIS B 173 -1.61 22.87 -16.19
C HIS B 173 -2.76 22.07 -16.80
N PRO B 174 -3.28 22.47 -17.97
CA PRO B 174 -4.48 21.76 -18.45
C PRO B 174 -4.33 20.28 -18.80
N ASP B 175 -3.14 19.84 -19.14
CA ASP B 175 -2.99 18.40 -19.45
C ASP B 175 -1.67 17.76 -19.19
N LYS B 176 -0.65 18.51 -18.79
CA LYS B 176 0.69 17.96 -18.50
C LYS B 176 1.31 18.43 -17.18
N CYS B 177 0.45 18.69 -16.20
CA CYS B 177 0.91 19.25 -14.93
C CYS B 177 1.97 18.37 -14.27
N GLU B 178 1.67 17.08 -14.13
CA GLU B 178 2.60 16.19 -13.44
C GLU B 178 3.95 16.16 -14.15
N GLU B 179 3.86 16.01 -15.47
CA GLU B 179 5.07 15.95 -16.28
C GLU B 179 5.91 17.22 -16.16
N LEU B 180 5.25 18.38 -16.21
CA LEU B 180 5.97 19.66 -16.13
C LEU B 180 6.58 19.85 -14.74
N CYS B 181 5.94 19.25 -13.74
CA CYS B 181 6.42 19.38 -12.35
C CYS B 181 7.53 18.40 -11.99
N THR B 182 7.68 17.37 -12.79
CA THR B 182 8.59 16.25 -12.44
C THR B 182 10.10 16.59 -12.42
N PRO B 183 10.57 17.42 -13.37
CA PRO B 183 12.01 17.64 -13.36
C PRO B 183 12.61 18.42 -12.21
N VAL B 184 11.87 19.41 -11.73
CA VAL B 184 12.36 20.33 -10.72
C VAL B 184 11.46 20.48 -9.51
N PHE B 185 10.19 20.71 -9.76
CA PHE B 185 9.27 21.01 -8.66
C PHE B 185 9.11 19.88 -7.67
N ILE B 186 8.80 18.68 -8.16
CA ILE B 186 8.50 17.57 -7.28
C ILE B 186 9.74 17.23 -6.43
N PRO B 187 10.92 17.10 -7.06
CA PRO B 187 12.11 16.80 -6.27
C PRO B 187 12.48 17.87 -5.27
N ALA B 188 12.12 19.11 -5.58
CA ALA B 188 12.45 20.20 -4.67
C ALA B 188 11.63 20.15 -3.39
N TRP B 189 10.39 19.69 -3.48
CA TRP B 189 9.49 19.81 -2.32
C TRP B 189 9.01 18.52 -1.71
N ASN B 190 9.32 17.38 -2.32
CA ASN B 190 8.67 16.11 -1.86
C ASN B 190 9.18 15.56 -0.55
N LYS B 191 10.23 16.15 -0.03
CA LYS B 191 10.74 15.78 1.31
C LYS B 191 10.31 16.83 2.34
N LYS B 192 10.17 18.06 1.90
CA LYS B 192 9.77 19.13 2.80
C LYS B 192 8.26 19.25 3.01
N ALA B 193 7.53 18.66 2.08
CA ALA B 193 6.07 18.68 2.08
C ALA B 193 5.56 17.41 1.44
N HIS B 194 4.25 17.22 1.55
CA HIS B 194 3.61 16.09 0.94
C HIS B 194 3.03 16.52 -0.39
N LEU B 195 3.53 15.91 -1.48
CA LEU B 195 3.09 16.19 -2.86
C LEU B 195 2.44 15.00 -3.54
N ALA B 196 1.35 15.28 -4.23
CA ALA B 196 0.66 14.24 -5.00
C ALA B 196 0.00 14.81 -6.24
N ALA B 197 0.26 14.17 -7.38
CA ALA B 197 -0.40 14.52 -8.65
C ALA B 197 -1.81 14.00 -8.58
N ALA B 198 -2.75 14.78 -9.09
CA ALA B 198 -4.16 14.39 -9.21
C ALA B 198 -4.63 14.67 -10.66
N GLY B 199 -5.21 13.67 -11.30
CA GLY B 199 -5.63 13.83 -12.68
C GLY B 199 -4.43 14.25 -13.51
N LYS B 200 -4.68 14.90 -14.62
CA LYS B 200 -3.55 15.31 -15.41
C LYS B 200 -3.27 16.81 -15.25
N GLU B 201 -4.12 17.45 -14.46
CA GLU B 201 -4.09 18.94 -14.33
C GLU B 201 -3.47 19.51 -13.07
N TRP B 202 -3.34 18.67 -12.05
CA TRP B 202 -2.96 19.14 -10.72
C TRP B 202 -1.82 18.41 -10.04
N VAL B 203 -1.09 19.19 -9.25
CA VAL B 203 -0.09 18.68 -8.29
C VAL B 203 -0.39 19.40 -6.98
N ASP B 204 -0.85 18.65 -5.98
CA ASP B 204 -1.29 19.20 -4.71
C ASP B 204 -0.23 19.00 -3.65
N CYS B 205 -0.05 20.04 -2.86
CA CYS B 205 0.96 20.05 -1.84
C CYS B 205 0.38 20.49 -0.51
N ASN B 206 0.73 19.74 0.54
CA ASN B 206 0.37 20.11 1.90
C ASN B 206 1.51 19.80 2.84
N ALA B 207 1.32 20.16 4.10
CA ALA B 207 2.39 19.97 5.08
C ALA B 207 2.67 18.52 5.27
N LYS B 208 3.91 18.29 5.64
CA LYS B 208 4.37 16.95 5.96
C LYS B 208 3.64 16.58 7.24
N GLY B 209 3.28 15.33 7.34
CA GLY B 209 2.65 14.81 8.56
C GLY B 209 1.12 14.91 8.60
N VAL B 210 0.56 15.32 7.49
CA VAL B 210 -0.89 15.40 7.38
C VAL B 210 -1.43 14.06 6.94
N SER B 211 -2.47 13.57 7.63
CA SER B 211 -3.15 12.35 7.23
C SER B 211 -4.56 12.30 7.80
N LYS B 212 -5.38 11.45 7.20
CA LYS B 212 -6.75 11.23 7.71
C LYS B 212 -6.73 10.69 9.15
N TRP B 213 -5.85 9.72 9.40
CA TRP B 213 -5.73 9.18 10.76
C TRP B 213 -5.21 10.17 11.80
N THR B 214 -4.29 11.03 11.39
CA THR B 214 -3.76 12.02 12.32
C THR B 214 -4.88 12.95 12.75
N ALA B 215 -5.61 13.44 11.77
CA ALA B 215 -6.75 14.36 12.04
C ALA B 215 -7.82 13.63 12.87
N LEU B 216 -8.13 12.40 12.48
CA LEU B 216 -9.17 11.65 13.18
C LEU B 216 -8.74 11.36 14.61
N SER B 217 -7.46 11.11 14.77
CA SER B 217 -6.91 10.80 16.11
C SER B 217 -7.06 11.99 17.03
N TYR B 218 -6.97 13.17 16.43
CA TYR B 218 -7.14 14.42 17.18
C TYR B 218 -8.54 14.45 17.84
N LEU B 219 -9.52 14.05 17.06
CA LEU B 219 -10.92 14.01 17.52
C LEU B 219 -11.14 12.89 18.53
N ILE B 220 -10.56 11.73 18.23
CA ILE B 220 -10.69 10.58 19.09
C ILE B 220 -10.21 10.94 20.51
N ASP B 221 -9.05 11.57 20.56
CA ASP B 221 -8.48 12.07 21.82
C ASP B 221 -9.32 13.16 22.45
N ARG B 222 -9.88 14.02 21.63
CA ARG B 222 -10.66 15.13 22.14
C ARG B 222 -11.89 14.63 22.85
N PHE B 223 -12.45 13.52 22.38
CA PHE B 223 -13.68 12.98 22.95
C PHE B 223 -13.42 11.84 23.91
N ASP B 224 -12.15 11.66 24.23
CA ASP B 224 -11.72 10.62 25.19
C ASP B 224 -12.19 9.23 24.88
N LEU B 225 -12.07 8.87 23.59
CA LEU B 225 -12.46 7.59 23.07
C LEU B 225 -11.30 6.64 22.80
N LEU B 226 -11.61 5.35 22.81
CA LEU B 226 -10.65 4.31 22.45
C LEU B 226 -10.92 3.86 21.00
N PRO B 227 -10.19 2.81 20.54
N PRO B 227 -9.80 4.08 20.21
CA PRO B 227 -10.48 2.28 19.20
CA PRO B 227 -9.84 3.83 18.80
C PRO B 227 -11.73 1.40 18.99
C PRO B 227 -10.73 2.65 18.57
N ASP B 228 -12.12 0.67 20.02
N ASP B 228 -10.88 1.87 19.64
CA ASP B 228 -13.15 -0.27 19.82
CA ASP B 228 -11.77 0.66 19.69
C ASP B 228 -14.21 0.71 19.71
C ASP B 228 -13.37 0.80 19.55
N GLU B 229 -13.88 2.00 19.88
CA GLU B 229 -15.20 2.69 19.88
C GLU B 229 -15.42 3.49 18.58
N VAL B 230 -14.54 3.19 17.66
CA VAL B 230 -14.53 3.87 16.35
C VAL B 230 -14.80 2.90 15.20
N CYS B 231 -15.64 3.38 14.28
CA CYS B 231 -15.96 2.63 13.05
C CYS B 231 -15.64 3.54 11.86
N CYS B 232 -14.84 3.02 10.94
CA CYS B 232 -14.42 3.75 9.76
C CYS B 232 -14.80 3.02 8.48
N PHE B 233 -15.15 3.82 7.47
CA PHE B 233 -15.46 3.34 6.12
C PHE B 233 -14.54 4.01 5.10
N GLY B 234 -14.09 3.23 4.11
CA GLY B 234 -13.15 3.77 3.10
C GLY B 234 -13.09 2.98 1.81
N ASP B 235 -12.39 3.54 0.84
CA ASP B 235 -12.24 2.94 -0.47
CA ASP B 235 -12.23 2.90 -0.48
C ASP B 235 -10.83 3.11 -1.06
N ASN B 236 -10.07 4.03 -0.51
CA ASN B 236 -8.78 4.42 -1.09
CA ASN B 236 -8.75 4.27 -1.14
C ASN B 236 -7.54 4.23 -0.24
N LEU B 237 -6.41 4.27 -0.91
CA LEU B 237 -5.14 4.06 -0.26
C LEU B 237 -4.97 4.91 0.97
N ASN B 238 -5.44 6.16 0.90
CA ASN B 238 -5.20 7.05 2.03
C ASN B 238 -6.13 6.80 3.22
N ASP B 239 -6.98 5.80 3.04
CA ASP B 239 -7.88 5.33 4.11
C ASP B 239 -7.33 4.17 4.90
N ILE B 240 -6.22 3.63 4.46
CA ILE B 240 -5.66 2.41 5.07
C ILE B 240 -5.45 2.54 6.55
N GLU B 241 -4.79 3.60 6.96
CA GLU B 241 -4.45 3.70 8.37
C GLU B 241 -5.70 3.78 9.30
N LEU B 243 -8.61 2.56 8.59
CA LEU B 243 -9.23 1.21 8.51
C LEU B 243 -8.51 0.20 9.42
N GLN B 244 -7.20 0.33 9.49
CA GLN B 244 -6.34 -0.53 10.34
C GLN B 244 -6.57 -0.29 11.84
N ASN B 245 -6.71 0.98 12.20
CA ASN B 245 -6.75 1.37 13.63
C ASN B 245 -8.07 1.36 14.28
N ALA B 246 -9.12 1.60 13.50
CA ALA B 246 -10.50 1.58 13.99
C ALA B 246 -10.86 0.17 14.49
N GLY B 247 -11.60 0.12 15.59
CA GLY B 247 -12.01 -1.16 16.14
C GLY B 247 -12.79 -1.98 15.16
N ILE B 248 -13.63 -1.31 14.40
CA ILE B 248 -14.38 -1.96 13.32
C ILE B 248 -14.22 -1.07 12.08
N SER B 249 -14.06 -1.70 10.93
CA SER B 249 -13.86 -0.91 9.71
C SER B 249 -14.30 -1.70 8.52
N TYR B 250 -14.69 -0.94 7.52
CA TYR B 250 -15.22 -1.49 6.27
C TYR B 250 -14.62 -0.87 5.04
N ALA B 251 -14.27 -1.73 4.08
CA ALA B 251 -13.89 -1.29 2.75
C ALA B 251 -15.04 -1.64 1.85
N VAL B 252 -15.37 -0.70 0.98
CA VAL B 252 -16.37 -1.01 -0.06
C VAL B 252 -15.79 -2.19 -0.85
N SER B 253 -16.64 -3.11 -1.29
CA SER B 253 -16.18 -4.39 -1.87
C SER B 253 -15.49 -4.26 -3.20
N ASN B 254 -15.72 -3.13 -3.88
CA ASN B 254 -15.08 -2.84 -5.18
C ASN B 254 -13.74 -2.12 -5.02
N ALA B 255 -13.31 -1.93 -3.77
CA ALA B 255 -12.05 -1.23 -3.53
C ALA B 255 -10.85 -2.04 -3.99
N ARG B 256 -9.77 -1.30 -4.22
CA ARG B 256 -8.48 -1.93 -4.50
C ARG B 256 -8.10 -2.89 -3.37
N GLN B 257 -7.35 -3.91 -3.74
CA GLN B 257 -6.98 -4.99 -2.82
C GLN B 257 -6.33 -4.56 -1.54
N GLU B 258 -5.51 -3.53 -1.59
CA GLU B 258 -4.78 -3.07 -0.42
C GLU B 258 -5.74 -2.52 0.64
N VAL B 259 -6.81 -1.92 0.16
CA VAL B 259 -7.84 -1.31 1.03
C VAL B 259 -8.66 -2.42 1.71
N ILE B 260 -8.99 -3.43 0.93
CA ILE B 260 -9.76 -4.55 1.47
CA ILE B 260 -9.72 -4.60 1.43
C ILE B 260 -8.88 -5.24 2.52
N ALA B 261 -7.58 -5.35 2.24
CA ALA B 261 -6.65 -5.97 3.20
C ALA B 261 -6.59 -5.19 4.52
N ALA B 262 -6.69 -3.89 4.45
CA ALA B 262 -6.56 -3.02 5.62
C ALA B 262 -7.78 -3.04 6.53
N ALA B 263 -8.92 -3.30 5.92
CA ALA B 263 -10.23 -3.25 6.60
C ALA B 263 -10.59 -4.56 7.27
N LYS B 264 -11.41 -4.47 8.30
CA LYS B 264 -11.86 -5.64 9.04
C LYS B 264 -12.90 -6.42 8.26
N HIS B 265 -13.76 -5.67 7.56
CA HIS B 265 -14.87 -6.20 6.77
C HIS B 265 -15.04 -5.47 5.47
N THR B 266 -15.94 -5.99 4.64
CA THR B 266 -16.33 -5.29 3.43
C THR B 266 -17.83 -5.00 3.48
N CYS B 267 -18.22 -3.94 2.81
CA CYS B 267 -19.61 -3.64 2.61
C CYS B 267 -19.80 -3.46 1.12
N ALA B 268 -21.04 -3.27 0.67
CA ALA B 268 -21.33 -3.16 -0.78
C ALA B 268 -20.87 -1.82 -1.34
N PRO B 269 -20.76 -1.73 -2.68
CA PRO B 269 -20.33 -0.51 -3.33
C PRO B 269 -21.32 0.64 -3.20
N TYR B 270 -20.83 1.84 -3.49
CA TYR B 270 -21.65 3.05 -3.30
C TYR B 270 -22.98 2.99 -4.06
N TRP B 271 -22.98 2.30 -5.18
CA TRP B 271 -24.16 2.26 -6.04
C TRP B 271 -25.21 1.29 -5.56
N GLU B 272 -24.87 0.57 -4.50
CA GLU B 272 -25.77 -0.35 -3.82
C GLU B 272 -26.00 0.14 -2.42
N ASN B 273 -25.59 1.36 -2.19
CA ASN B 273 -25.71 1.98 -0.86
C ASN B 273 -25.14 1.06 0.24
N GLY B 274 -23.92 0.58 0.02
CA GLY B 274 -23.32 -0.35 0.96
C GLY B 274 -23.09 0.22 2.35
N VAL B 275 -22.53 1.43 2.40
CA VAL B 275 -22.28 2.07 3.70
C VAL B 275 -23.60 2.25 4.41
N LEU B 276 -24.63 2.65 3.66
CA LEU B 276 -25.93 2.91 4.27
C LEU B 276 -26.42 1.69 4.99
N SER B 277 -26.22 0.52 4.38
CA SER B 277 -26.70 -0.73 4.96
CA SER B 277 -26.70 -0.72 4.96
C SER B 277 -26.05 -1.00 6.29
N VAL B 278 -24.78 -0.71 6.38
CA VAL B 278 -24.07 -0.89 7.65
C VAL B 278 -24.55 0.13 8.69
N LEU B 279 -24.71 1.38 8.25
CA LEU B 279 -25.17 2.45 9.18
C LEU B 279 -26.51 2.06 9.77
N LYS B 280 -27.34 1.47 8.92
CA LYS B 280 -28.69 1.06 9.33
C LYS B 280 -28.67 0.00 10.41
N SER B 281 -27.59 -0.77 10.44
CA SER B 281 -27.41 -1.86 11.42
CA SER B 281 -27.46 -1.86 11.42
C SER B 281 -27.11 -1.33 12.80
N PHE B 282 -26.66 -0.08 12.86
CA PHE B 282 -26.32 0.56 14.13
C PHE B 282 -27.56 1.15 14.75
N LEU B 283 -28.65 1.16 13.99
CA LEU B 283 -29.91 1.78 14.46
C LEU B 283 -30.68 0.84 15.35
#